data_5A1P
#
_entry.id   5A1P
#
_cell.length_a   77.340
_cell.length_b   102.170
_cell.length_c   125.590
_cell.angle_alpha   90.00
_cell.angle_beta   90.00
_cell.angle_gamma   90.00
#
_symmetry.space_group_name_H-M   'I 2 2 2'
#
loop_
_entity.id
_entity.type
_entity.pdbx_description
1 polymer 'CYTOCHROME P450 3A4'
2 non-polymer 'PROTOPORPHYRIN IX CONTAINING FE'
3 non-polymer PROGESTERONE
4 non-polymer 'CITRIC ACID'
5 water water
#
_entity_poly.entity_id   1
_entity_poly.type   'polypeptide(L)'
_entity_poly.pdbx_seq_one_letter_code
;MAYLYGTHSHGLFKKLGIPGPTPLPFLGNILSYHKGFCMFDMECHKKYGKVWGFYDGQQPVLAITDPDMIKTVLVKECYS
VFTNRRPFGPVGFMKSAISIAEDEEWKRLRSLLSPTFTSGKLKEMVPIIAQYGDVLVRNLRREAETGKPVTLKDVFGAYS
MDVITSTSFGVNIDSLNNPQDPFVENTKKLLRFDFLDPFFLSITVFPFLIPILEVLNICVFPREVTNFLRKSVKRMKESR
LEDTQKHRVDFLQLMIDSQNSKETESHKALSDLELVAQSIIFIFAGYETTSSVLSFIMYELATHPDVQQKLQEEIDAVLP
NKAPPTYDTVLQMEYLDMVVNETLRLFPIAMRLERVCKKDVEINGMFIPKGVVVMIPSYALHRDPKYWTEPEKFLPERFS
KKNKDNIDPYIYTPFGSGPRNCIGMRFALMNMKLALIRVLQNFSFKPCKETQIPLKLSLGGLLQPEKPVVLKVESRDGTV
SGAHHHH
;
_entity_poly.pdbx_strand_id   A
#
loop_
_chem_comp.id
_chem_comp.type
_chem_comp.name
_chem_comp.formula
CIT non-polymer 'CITRIC ACID' 'C6 H8 O7'
HEM non-polymer 'PROTOPORPHYRIN IX CONTAINING FE' 'C34 H32 Fe N4 O4'
STR non-polymer PROGESTERONE 'C21 H30 O2'
#
# COMPACT_ATOMS: atom_id res chain seq x y z
N GLY A 6 -1.73 33.87 -19.56
CA GLY A 6 -0.69 32.99 -19.06
C GLY A 6 -1.14 31.55 -19.02
N THR A 7 -1.03 30.94 -17.85
CA THR A 7 -1.66 29.65 -17.62
C THR A 7 -3.17 29.83 -17.76
N HIS A 8 -3.84 28.85 -18.35
CA HIS A 8 -5.29 28.94 -18.54
C HIS A 8 -5.96 27.61 -18.25
N SER A 9 -5.68 27.08 -17.06
CA SER A 9 -6.07 25.73 -16.67
C SER A 9 -7.47 25.60 -16.03
N HIS A 10 -7.83 26.55 -15.18
CA HIS A 10 -8.97 26.40 -14.28
C HIS A 10 -10.35 26.55 -14.95
N GLY A 11 -10.38 26.78 -16.25
CA GLY A 11 -11.62 26.84 -16.97
C GLY A 11 -12.09 25.50 -17.52
N LEU A 12 -11.25 24.48 -17.43
CA LEU A 12 -11.43 23.25 -18.20
C LEU A 12 -12.71 22.44 -17.91
N PHE A 13 -12.99 22.17 -16.64
CA PHE A 13 -14.06 21.25 -16.33
C PHE A 13 -15.45 21.80 -16.65
N LYS A 14 -15.73 23.03 -16.22
CA LYS A 14 -17.04 23.63 -16.48
C LYS A 14 -17.22 23.88 -17.99
N LYS A 15 -16.15 24.27 -18.66
CA LYS A 15 -16.14 24.44 -20.12
C LYS A 15 -16.45 23.13 -20.88
N LEU A 16 -16.51 22.02 -20.16
CA LEU A 16 -16.85 20.73 -20.76
C LEU A 16 -18.08 20.14 -20.06
N GLY A 17 -18.40 20.68 -18.89
CA GLY A 17 -19.67 20.38 -18.25
C GLY A 17 -19.61 19.51 -17.00
N ILE A 18 -18.42 19.38 -16.42
CA ILE A 18 -18.24 18.59 -15.20
C ILE A 18 -18.20 19.49 -13.96
N PRO A 19 -18.97 19.12 -12.92
CA PRO A 19 -19.04 19.88 -11.66
C PRO A 19 -17.82 19.74 -10.77
N GLY A 20 -17.76 20.56 -9.73
CA GLY A 20 -16.65 20.58 -8.80
C GLY A 20 -16.46 21.88 -8.04
N PRO A 21 -15.72 21.81 -6.92
CA PRO A 21 -15.48 22.97 -6.06
C PRO A 21 -14.71 24.05 -6.83
N THR A 22 -15.21 25.27 -6.78
CA THR A 22 -14.56 26.33 -7.53
C THR A 22 -13.15 26.55 -6.98
N PRO A 23 -12.16 26.56 -7.88
CA PRO A 23 -10.73 26.70 -7.56
C PRO A 23 -10.30 28.13 -7.27
N LEU A 24 -9.23 28.26 -6.50
CA LEU A 24 -8.61 29.55 -6.27
C LEU A 24 -7.46 29.72 -7.25
N PRO A 25 -7.15 30.97 -7.60
CA PRO A 25 -5.94 31.16 -8.40
C PRO A 25 -4.73 30.52 -7.74
N PHE A 26 -3.88 29.88 -8.57
CA PHE A 26 -2.68 29.19 -8.14
C PHE A 26 -2.99 27.96 -7.31
N LEU A 27 -3.77 28.12 -6.24
CA LEU A 27 -3.99 26.99 -5.31
C LEU A 27 -4.90 25.91 -5.85
N GLY A 28 -5.84 26.30 -6.70
CA GLY A 28 -6.83 25.32 -7.14
C GLY A 28 -7.65 24.99 -5.92
N ASN A 29 -7.75 23.71 -5.60
CA ASN A 29 -8.66 23.29 -4.54
C ASN A 29 -7.94 22.75 -3.31
N ILE A 30 -6.63 22.97 -3.23
CA ILE A 30 -5.85 22.32 -2.18
C ILE A 30 -6.19 22.78 -0.77
N LEU A 31 -6.84 23.94 -0.63
CA LEU A 31 -7.19 24.41 0.71
C LEU A 31 -8.24 23.47 1.25
N SER A 32 -8.93 22.82 0.32
CA SER A 32 -9.95 21.86 0.70
C SER A 32 -9.37 20.55 1.22
N TYR A 33 -8.03 20.47 1.30
CA TYR A 33 -7.33 19.28 1.83
C TYR A 33 -7.02 19.33 3.34
N HIS A 34 -7.54 20.31 4.07
CA HIS A 34 -7.27 20.39 5.49
C HIS A 34 -7.99 19.25 6.18
N LYS A 35 -9.12 18.86 5.59
CA LYS A 35 -9.95 17.74 6.04
C LYS A 35 -9.19 16.43 5.85
N GLY A 36 -8.42 16.37 4.75
CA GLY A 36 -7.64 15.19 4.40
C GLY A 36 -8.18 14.67 3.10
N PHE A 37 -7.43 13.81 2.41
CA PHE A 37 -7.87 13.30 1.11
C PHE A 37 -9.23 12.62 1.24
N CYS A 38 -9.36 11.82 2.29
CA CYS A 38 -10.52 10.94 2.44
C CYS A 38 -11.78 11.77 2.65
N MET A 39 -11.75 12.63 3.65
CA MET A 39 -12.90 13.47 3.93
C MET A 39 -13.24 14.32 2.70
N PHE A 40 -12.23 14.89 2.05
CA PHE A 40 -12.46 15.71 0.87
C PHE A 40 -13.16 14.93 -0.23
N ASP A 41 -12.74 13.68 -0.41
CA ASP A 41 -13.23 12.82 -1.48
C ASP A 41 -14.68 12.39 -1.30
N MET A 42 -15.02 12.03 -0.07
CA MET A 42 -16.37 11.64 0.23
C MET A 42 -17.30 12.84 0.12
N GLU A 43 -16.90 13.97 0.67
CA GLU A 43 -17.72 15.18 0.59
C GLU A 43 -17.97 15.58 -0.87
N CYS A 44 -16.97 15.43 -1.74
CA CYS A 44 -17.19 15.64 -3.18
C CYS A 44 -18.15 14.72 -3.86
N HIS A 45 -18.29 13.55 -3.28
CA HIS A 45 -19.13 12.56 -3.89
C HIS A 45 -20.55 12.70 -3.35
N LYS A 46 -20.66 13.21 -2.14
CA LYS A 46 -21.96 13.58 -1.60
C LYS A 46 -22.58 14.70 -2.42
N LYS A 47 -21.77 15.62 -2.95
CA LYS A 47 -22.32 16.85 -3.51
C LYS A 47 -22.32 16.96 -5.05
N TYR A 48 -21.46 16.23 -5.74
CA TYR A 48 -21.46 16.30 -7.21
C TYR A 48 -21.82 14.96 -7.86
N GLY A 49 -21.99 13.93 -7.04
CA GLY A 49 -22.45 12.64 -7.53
C GLY A 49 -21.46 11.74 -8.29
N LYS A 50 -21.81 11.44 -9.54
CA LYS A 50 -21.15 10.43 -10.37
C LYS A 50 -19.69 10.77 -10.71
N VAL A 51 -19.47 12.04 -11.06
CA VAL A 51 -18.20 12.52 -11.58
C VAL A 51 -18.01 13.96 -11.14
N TRP A 52 -16.83 14.29 -10.65
CA TRP A 52 -16.52 15.69 -10.42
C TRP A 52 -15.12 16.04 -10.89
N GLY A 53 -14.75 17.30 -10.75
CA GLY A 53 -13.45 17.75 -11.20
C GLY A 53 -12.91 18.75 -10.20
N PHE A 54 -11.61 18.67 -9.92
CA PHE A 54 -10.98 19.64 -9.04
C PHE A 54 -9.54 19.86 -9.50
N TYR A 55 -8.83 20.72 -8.80
CA TYR A 55 -7.50 21.12 -9.23
C TYR A 55 -6.51 21.09 -8.08
N ASP A 56 -5.48 20.25 -8.23
CA ASP A 56 -4.29 20.32 -7.40
C ASP A 56 -3.37 21.32 -8.07
N GLY A 57 -3.44 22.58 -7.66
CA GLY A 57 -2.71 23.62 -8.37
C GLY A 57 -3.35 23.94 -9.72
N GLN A 58 -2.62 23.78 -10.81
CA GLN A 58 -3.22 24.03 -12.12
C GLN A 58 -3.52 22.71 -12.77
N GLN A 59 -3.39 21.65 -11.97
CA GLN A 59 -3.53 20.29 -12.48
C GLN A 59 -4.97 19.83 -12.35
N PRO A 60 -5.62 19.59 -13.48
CA PRO A 60 -7.00 19.10 -13.41
C PRO A 60 -7.09 17.64 -12.99
N VAL A 61 -7.78 17.40 -11.88
CA VAL A 61 -8.06 16.02 -11.49
C VAL A 61 -9.54 15.68 -11.70
N LEU A 62 -9.80 14.67 -12.54
CA LEU A 62 -11.15 14.22 -12.78
C LEU A 62 -11.46 12.92 -12.05
N ALA A 63 -12.34 13.02 -11.05
CA ALA A 63 -12.79 11.85 -10.31
C ALA A 63 -13.87 11.05 -11.07
N ILE A 64 -13.83 9.73 -10.95
CA ILE A 64 -14.87 8.87 -11.52
C ILE A 64 -15.33 7.82 -10.52
N THR A 65 -16.59 7.40 -10.61
CA THR A 65 -17.14 6.41 -9.69
C THR A 65 -18.06 5.38 -10.34
N ASP A 66 -18.19 5.39 -11.66
CA ASP A 66 -18.98 4.36 -12.32
C ASP A 66 -18.10 3.15 -12.60
N PRO A 67 -18.51 1.96 -12.13
CA PRO A 67 -17.68 0.76 -12.08
C PRO A 67 -17.18 0.27 -13.42
N ASP A 68 -17.99 0.38 -14.46
CA ASP A 68 -17.46 -0.06 -15.73
C ASP A 68 -16.68 1.03 -16.39
N MET A 69 -16.88 2.29 -15.98
CA MET A 69 -16.00 3.38 -16.42
C MET A 69 -14.62 3.25 -15.77
N ILE A 70 -14.63 2.73 -14.54
CA ILE A 70 -13.42 2.50 -13.76
C ILE A 70 -12.66 1.32 -14.31
N LYS A 71 -13.37 0.19 -14.51
CA LYS A 71 -12.84 -0.96 -15.22
C LYS A 71 -12.24 -0.49 -16.52
N THR A 72 -12.91 0.49 -17.10
CA THR A 72 -12.56 0.91 -18.39
C THR A 72 -11.14 1.52 -18.20
N VAL A 73 -11.02 2.58 -17.40
CA VAL A 73 -9.71 3.21 -17.16
C VAL A 73 -8.59 2.25 -16.75
N LEU A 74 -8.83 1.49 -15.67
CA LEU A 74 -7.79 0.60 -15.10
C LEU A 74 -7.50 -0.64 -15.95
N VAL A 75 -8.50 -1.15 -16.67
CA VAL A 75 -8.30 -2.40 -17.44
C VAL A 75 -8.32 -2.21 -18.96
N LYS A 76 -9.45 -1.75 -19.48
CA LYS A 76 -9.72 -1.47 -20.91
C LYS A 76 -8.50 -0.97 -21.76
N GLU A 77 -7.96 0.23 -21.45
CA GLU A 77 -7.03 0.98 -22.31
C GLU A 77 -6.05 1.42 -21.30
N CYS A 78 -5.84 0.57 -20.31
CA CYS A 78 -4.70 0.76 -19.44
C CYS A 78 -3.52 1.13 -20.33
N TYR A 79 -3.23 0.28 -21.31
CA TYR A 79 -2.09 0.43 -22.20
C TYR A 79 -2.21 1.57 -23.20
N SER A 80 -3.36 1.69 -23.86
CA SER A 80 -3.45 2.69 -24.91
C SER A 80 -3.51 4.10 -24.34
N VAL A 81 -4.14 4.28 -23.18
CA VAL A 81 -4.41 5.64 -22.70
C VAL A 81 -4.04 5.93 -21.26
N PHE A 82 -4.38 5.04 -20.34
CA PHE A 82 -4.19 5.33 -18.93
C PHE A 82 -3.09 4.48 -18.28
N THR A 83 -1.87 4.63 -18.76
CA THR A 83 -0.77 3.78 -18.37
C THR A 83 0.00 4.21 -17.11
N ASN A 84 0.21 5.51 -16.94
CA ASN A 84 1.08 5.99 -15.87
C ASN A 84 0.37 6.70 -14.75
N ARG A 85 1.07 6.84 -13.63
CA ARG A 85 0.52 7.59 -12.51
C ARG A 85 1.04 9.01 -12.55
N ARG A 86 0.49 9.81 -11.67
CA ARG A 86 0.84 11.20 -11.53
C ARG A 86 2.30 11.33 -11.09
N PRO A 87 3.15 11.98 -11.92
CA PRO A 87 4.47 12.44 -11.46
C PRO A 87 4.28 13.20 -10.17
N PHE A 88 5.19 13.13 -9.19
CA PHE A 88 4.85 13.69 -7.87
C PHE A 88 5.92 14.50 -7.14
N GLY A 89 7.19 14.28 -7.46
CA GLY A 89 8.22 15.05 -6.81
C GLY A 89 9.48 14.67 -7.49
N PRO A 90 10.64 15.17 -7.00
CA PRO A 90 11.95 14.85 -7.55
C PRO A 90 12.33 13.44 -7.17
N VAL A 91 12.80 12.68 -8.13
CA VAL A 91 12.84 11.24 -7.99
C VAL A 91 14.22 10.66 -8.28
N GLY A 92 15.10 11.45 -8.89
CA GLY A 92 16.43 10.98 -9.24
C GLY A 92 16.43 9.70 -10.05
N PHE A 93 17.35 8.77 -9.74
CA PHE A 93 17.39 7.45 -10.38
C PHE A 93 16.17 6.56 -10.09
N MET A 94 15.39 6.91 -9.07
CA MET A 94 14.18 6.12 -8.78
C MET A 94 13.13 6.28 -9.88
N LYS A 95 13.49 7.07 -10.90
CA LYS A 95 12.81 7.13 -12.19
C LYS A 95 12.59 5.70 -12.72
N SER A 96 13.59 4.84 -12.50
CA SER A 96 13.56 3.45 -12.99
C SER A 96 12.73 2.48 -12.12
N ALA A 97 12.16 2.93 -11.01
CA ALA A 97 11.43 1.98 -10.16
C ALA A 97 10.12 1.72 -10.86
N ILE A 98 9.60 0.49 -10.72
CA ILE A 98 8.52 0.08 -11.61
C ILE A 98 7.28 0.92 -11.39
N SER A 99 7.09 1.37 -10.15
CA SER A 99 5.87 2.05 -9.77
C SER A 99 5.96 3.47 -10.31
N ILE A 100 7.18 3.96 -10.48
CA ILE A 100 7.35 5.32 -10.96
C ILE A 100 7.55 5.36 -12.47
N ALA A 101 8.08 4.29 -13.05
CA ALA A 101 8.38 4.25 -14.49
C ALA A 101 7.12 4.42 -15.34
N GLU A 102 7.31 4.75 -16.61
CA GLU A 102 6.16 5.06 -17.45
C GLU A 102 6.15 4.29 -18.75
N ASP A 103 4.94 4.12 -19.28
CA ASP A 103 4.74 3.55 -20.60
C ASP A 103 5.63 2.32 -20.75
N GLU A 104 6.49 2.33 -21.76
CA GLU A 104 7.22 1.15 -22.23
C GLU A 104 8.23 0.63 -21.21
N GLU A 105 8.97 1.54 -20.59
CA GLU A 105 9.88 1.16 -19.53
C GLU A 105 9.09 0.48 -18.42
N TRP A 106 7.92 1.02 -18.09
CA TRP A 106 7.07 0.40 -17.07
C TRP A 106 6.60 -0.97 -17.56
N LYS A 107 6.24 -1.05 -18.83
CA LYS A 107 5.73 -2.32 -19.36
C LYS A 107 6.83 -3.38 -19.37
N ARG A 108 8.03 -2.94 -19.72
CA ARG A 108 9.24 -3.76 -19.65
C ARG A 108 9.53 -4.29 -18.24
N LEU A 109 9.51 -3.39 -17.26
CA LEU A 109 9.77 -3.72 -15.86
C LEU A 109 8.70 -4.60 -15.26
N ARG A 110 7.45 -4.32 -15.60
CA ARG A 110 6.32 -5.13 -15.17
C ARG A 110 6.47 -6.56 -15.60
N SER A 111 6.86 -6.73 -16.86
CA SER A 111 7.05 -8.06 -17.43
C SER A 111 8.28 -8.72 -16.81
N LEU A 112 9.34 -7.94 -16.62
CA LEU A 112 10.58 -8.47 -16.07
C LEU A 112 10.39 -8.87 -14.63
N LEU A 113 9.51 -8.17 -13.92
CA LEU A 113 9.38 -8.37 -12.49
C LEU A 113 8.24 -9.28 -12.07
N SER A 114 7.25 -9.47 -12.95
CA SER A 114 6.08 -10.31 -12.64
C SER A 114 6.38 -11.75 -12.20
N PRO A 115 7.28 -12.50 -12.91
CA PRO A 115 7.52 -13.90 -12.55
C PRO A 115 8.01 -14.10 -11.13
N THR A 116 8.73 -13.10 -10.62
CA THR A 116 9.16 -13.00 -9.23
C THR A 116 7.99 -12.94 -8.23
N PHE A 117 6.81 -12.57 -8.68
CA PHE A 117 5.65 -12.49 -7.78
C PHE A 117 4.59 -13.57 -7.99
N THR A 118 4.94 -14.68 -8.66
CA THR A 118 3.99 -15.78 -8.87
C THR A 118 3.60 -16.46 -7.55
N SER A 119 2.55 -17.28 -7.58
CA SER A 119 2.16 -18.07 -6.41
C SER A 119 3.18 -19.17 -6.12
N GLY A 120 3.93 -19.58 -7.15
CA GLY A 120 4.96 -20.58 -6.98
C GLY A 120 6.10 -20.10 -6.11
N LYS A 121 6.72 -19.00 -6.52
CA LYS A 121 7.83 -18.41 -5.79
C LYS A 121 7.40 -17.92 -4.40
N LEU A 122 6.11 -17.65 -4.26
CA LEU A 122 5.54 -17.26 -2.98
C LEU A 122 5.50 -18.43 -2.01
N LYS A 123 5.13 -19.62 -2.50
CA LYS A 123 5.11 -20.81 -1.66
C LYS A 123 6.52 -21.06 -1.14
N GLU A 124 7.54 -20.66 -1.90
CA GLU A 124 8.93 -20.91 -1.51
C GLU A 124 9.46 -19.85 -0.55
N MET A 125 8.78 -18.71 -0.48
CA MET A 125 9.16 -17.66 0.46
C MET A 125 8.51 -17.83 1.85
N VAL A 126 7.39 -18.56 1.90
CA VAL A 126 6.66 -18.79 3.14
C VAL A 126 7.52 -19.24 4.34
N PRO A 127 8.42 -20.24 4.18
CA PRO A 127 9.27 -20.62 5.32
C PRO A 127 10.16 -19.50 5.86
N ILE A 128 10.76 -18.71 4.97
CA ILE A 128 11.54 -17.57 5.41
C ILE A 128 10.69 -16.64 6.28
N ILE A 129 9.52 -16.24 5.78
CA ILE A 129 8.75 -15.22 6.47
C ILE A 129 8.00 -15.79 7.65
N ALA A 130 7.61 -17.06 7.55
CA ALA A 130 7.02 -17.77 8.69
C ALA A 130 7.94 -17.68 9.91
N GLN A 131 9.24 -17.78 9.66
CA GLN A 131 10.25 -17.75 10.71
C GLN A 131 10.17 -16.48 11.57
N TYR A 132 9.85 -15.34 10.95
CA TYR A 132 9.77 -14.08 11.67
C TYR A 132 8.43 -13.85 12.34
N GLY A 133 7.47 -14.75 12.07
CA GLY A 133 6.30 -14.88 12.91
C GLY A 133 6.74 -15.32 14.29
N ASP A 134 7.52 -16.40 14.34
CA ASP A 134 8.10 -16.87 15.58
C ASP A 134 8.90 -15.76 16.27
N VAL A 135 9.72 -15.05 15.50
CA VAL A 135 10.53 -13.98 16.08
C VAL A 135 9.62 -12.91 16.70
N LEU A 136 8.52 -12.60 16.03
CA LEU A 136 7.57 -11.61 16.53
C LEU A 136 6.94 -12.05 17.84
N VAL A 137 6.64 -13.35 17.92
CA VAL A 137 6.00 -13.92 19.09
C VAL A 137 6.88 -13.82 20.33
N ARG A 138 8.14 -14.19 20.18
CA ARG A 138 9.09 -14.04 21.27
C ARG A 138 9.21 -12.57 21.66
N ASN A 139 9.17 -11.68 20.66
CA ASN A 139 9.28 -10.24 20.91
C ASN A 139 7.98 -9.64 21.47
N LEU A 140 6.90 -10.37 21.32
CA LEU A 140 5.60 -9.92 21.82
C LEU A 140 5.33 -10.48 23.22
N ARG A 141 5.88 -11.67 23.47
CA ARG A 141 5.78 -12.32 24.77
C ARG A 141 6.21 -11.38 25.87
N ARG A 142 7.35 -10.74 25.62
CA ARG A 142 8.00 -9.96 26.65
C ARG A 142 7.16 -8.72 27.01
N GLU A 143 6.67 -7.97 26.02
CA GLU A 143 5.85 -6.77 26.30
C GLU A 143 4.42 -7.10 26.70
N ALA A 144 4.00 -8.33 26.45
CA ALA A 144 2.73 -8.80 26.97
C ALA A 144 2.89 -9.03 28.46
N GLU A 145 3.85 -9.88 28.81
CA GLU A 145 4.11 -10.32 30.18
C GLU A 145 4.60 -9.19 31.08
N THR A 146 5.34 -8.29 30.46
CA THR A 146 5.63 -6.97 31.01
C THR A 146 4.46 -6.39 31.82
N GLY A 147 3.26 -6.41 31.24
CA GLY A 147 2.10 -5.78 31.85
C GLY A 147 1.60 -4.65 30.96
N LYS A 148 2.51 -3.77 30.57
CA LYS A 148 2.20 -2.53 29.85
C LYS A 148 1.70 -2.73 28.40
N PRO A 149 0.82 -1.82 27.93
CA PRO A 149 0.25 -1.82 26.58
C PRO A 149 1.32 -1.86 25.49
N VAL A 150 0.90 -2.18 24.27
CA VAL A 150 1.83 -2.32 23.18
C VAL A 150 1.47 -1.35 22.08
N THR A 151 2.47 -0.67 21.52
CA THR A 151 2.26 0.18 20.37
C THR A 151 2.43 -0.67 19.11
N LEU A 152 1.31 -0.86 18.40
CA LEU A 152 1.25 -1.88 17.40
C LEU A 152 2.11 -1.62 16.19
N LYS A 153 2.23 -0.37 15.78
CA LYS A 153 2.98 -0.07 14.57
C LYS A 153 4.48 -0.24 14.83
N ASP A 154 4.87 -0.26 16.10
CA ASP A 154 6.24 -0.58 16.44
C ASP A 154 6.53 -2.08 16.37
N VAL A 155 5.61 -2.91 16.83
CA VAL A 155 5.93 -4.33 16.85
C VAL A 155 5.60 -4.91 15.49
N PHE A 156 4.66 -4.31 14.77
CA PHE A 156 4.43 -4.69 13.39
C PHE A 156 5.42 -4.01 12.41
N GLY A 157 5.90 -2.81 12.73
CA GLY A 157 6.94 -2.19 11.92
C GLY A 157 8.13 -3.14 11.95
N ALA A 158 8.43 -3.65 13.15
CA ALA A 158 9.56 -4.55 13.36
C ALA A 158 9.38 -5.87 12.61
N TYR A 159 8.14 -6.35 12.55
CA TYR A 159 7.86 -7.56 11.79
C TYR A 159 7.99 -7.34 10.30
N SER A 160 7.37 -6.25 9.81
CA SER A 160 7.35 -5.96 8.39
C SER A 160 8.77 -5.83 7.84
N MET A 161 9.63 -5.18 8.62
CA MET A 161 11.03 -5.07 8.25
C MET A 161 11.76 -6.40 8.29
N ASP A 162 11.63 -7.11 9.41
CA ASP A 162 12.23 -8.43 9.53
C ASP A 162 11.89 -9.23 8.29
N VAL A 163 10.63 -9.16 7.87
CA VAL A 163 10.19 -9.89 6.69
C VAL A 163 10.66 -9.25 5.36
N ILE A 164 10.93 -7.95 5.35
CA ILE A 164 11.40 -7.31 4.11
C ILE A 164 12.87 -7.59 3.84
N THR A 165 13.75 -7.21 4.76
CA THR A 165 15.17 -7.48 4.63
C THR A 165 15.41 -8.94 4.24
N SER A 166 14.61 -9.83 4.83
CA SER A 166 14.80 -11.26 4.63
C SER A 166 14.42 -11.74 3.24
N THR A 167 13.22 -11.43 2.76
CA THR A 167 12.83 -11.84 1.41
C THR A 167 13.40 -10.95 0.30
N SER A 168 14.06 -9.85 0.64
CA SER A 168 14.64 -9.01 -0.39
C SER A 168 16.13 -9.30 -0.59
N PHE A 169 16.87 -9.49 0.49
CA PHE A 169 18.33 -9.56 0.40
C PHE A 169 18.95 -10.76 1.13
N GLY A 170 18.11 -11.58 1.74
CA GLY A 170 18.57 -12.70 2.52
C GLY A 170 19.10 -12.27 3.87
N VAL A 171 18.98 -10.99 4.21
CA VAL A 171 19.53 -10.49 5.47
C VAL A 171 18.60 -10.80 6.65
N ASN A 172 19.14 -11.53 7.62
CA ASN A 172 18.35 -12.15 8.69
C ASN A 172 18.60 -11.52 10.05
N ILE A 173 17.77 -10.53 10.37
CA ILE A 173 17.96 -9.77 11.61
C ILE A 173 16.65 -9.54 12.34
N ASP A 174 16.80 -9.41 13.66
CA ASP A 174 15.72 -9.02 14.56
C ASP A 174 15.77 -7.50 14.71
N SER A 175 15.01 -6.80 13.88
CA SER A 175 15.02 -5.33 13.85
C SER A 175 14.72 -4.71 15.20
N LEU A 176 13.78 -5.33 15.92
CA LEU A 176 13.41 -4.83 17.22
C LEU A 176 14.65 -4.78 18.12
N ASN A 177 15.26 -5.92 18.37
CA ASN A 177 16.41 -5.98 19.26
C ASN A 177 17.76 -5.63 18.63
N ASN A 178 17.75 -5.07 17.41
CA ASN A 178 18.99 -4.61 16.77
C ASN A 178 18.91 -3.23 16.13
N PRO A 179 18.46 -2.21 16.88
CA PRO A 179 18.02 -0.95 16.24
C PRO A 179 19.12 -0.13 15.55
N GLN A 180 20.41 -0.37 15.84
CA GLN A 180 21.50 0.31 15.09
C GLN A 180 22.09 -0.43 13.90
N ASP A 181 21.83 -1.73 13.80
CA ASP A 181 22.25 -2.49 12.60
C ASP A 181 21.99 -1.59 11.43
N PRO A 182 23.07 -1.08 10.82
CA PRO A 182 22.95 0.02 9.88
C PRO A 182 21.93 -0.34 8.84
N PHE A 183 21.93 -1.62 8.50
CA PHE A 183 20.98 -2.11 7.55
C PHE A 183 19.56 -2.05 8.08
N VAL A 184 19.36 -2.10 9.39
CA VAL A 184 18.02 -1.84 9.85
C VAL A 184 17.87 -0.33 9.92
N GLU A 185 18.80 0.38 10.57
CA GLU A 185 18.69 1.82 10.82
C GLU A 185 18.17 2.61 9.60
N ASN A 186 18.81 2.40 8.46
CA ASN A 186 18.50 3.18 7.28
C ASN A 186 17.13 2.88 6.70
N THR A 187 16.78 1.61 6.63
CA THR A 187 15.55 1.24 5.95
C THR A 187 14.27 1.71 6.66
N LYS A 188 14.35 2.18 7.92
CA LYS A 188 13.13 2.71 8.57
C LYS A 188 12.76 4.06 8.00
N LYS A 189 13.75 4.75 7.43
CA LYS A 189 13.54 6.09 6.90
C LYS A 189 12.69 6.03 5.65
N LEU A 190 12.47 4.81 5.15
CA LEU A 190 11.69 4.58 3.95
C LEU A 190 10.17 4.48 4.20
N LEU A 191 9.62 5.44 4.93
CA LEU A 191 8.21 5.45 5.28
C LEU A 191 7.36 5.86 4.09
N ARG A 192 6.04 5.91 4.23
CA ARG A 192 5.22 6.31 3.09
C ARG A 192 5.12 7.85 2.94
N PHE A 193 4.99 8.31 1.69
CA PHE A 193 4.91 9.73 1.39
C PHE A 193 3.58 10.32 1.81
N ASP A 194 3.64 11.52 2.39
CA ASP A 194 2.48 12.29 2.84
C ASP A 194 2.25 13.45 1.86
N PHE A 195 1.39 13.25 0.86
CA PHE A 195 1.24 14.27 -0.18
C PHE A 195 0.51 15.51 0.29
N LEU A 196 0.18 15.58 1.58
CA LEU A 196 -0.37 16.80 2.17
C LEU A 196 0.68 17.57 2.97
N ASP A 197 1.86 16.99 3.07
CA ASP A 197 3.03 17.68 3.61
C ASP A 197 3.25 19.06 2.94
N PRO A 198 3.79 20.04 3.69
CA PRO A 198 4.16 21.32 3.09
C PRO A 198 4.94 21.13 1.81
N PHE A 199 5.96 20.29 1.86
CA PHE A 199 6.81 20.06 0.69
C PHE A 199 5.96 19.70 -0.52
N PHE A 200 5.19 18.63 -0.40
CA PHE A 200 4.47 18.11 -1.55
C PHE A 200 3.37 19.06 -2.01
N LEU A 201 2.74 19.74 -1.05
CA LEU A 201 1.73 20.73 -1.38
C LEU A 201 2.35 21.85 -2.20
N SER A 202 3.52 22.31 -1.76
CA SER A 202 4.31 23.29 -2.50
C SER A 202 4.57 22.81 -3.94
N ILE A 203 5.00 21.56 -4.03
CA ILE A 203 5.32 20.91 -5.30
C ILE A 203 4.12 20.92 -6.24
N THR A 204 2.95 20.67 -5.68
CA THR A 204 1.65 20.71 -6.37
C THR A 204 1.32 22.10 -6.94
N VAL A 205 1.53 23.12 -6.12
CA VAL A 205 1.35 24.49 -6.56
C VAL A 205 2.47 24.92 -7.52
N PHE A 206 3.71 24.57 -7.19
CA PHE A 206 4.86 24.89 -8.06
C PHE A 206 5.49 23.68 -8.74
N PRO A 207 4.75 22.96 -9.58
CA PRO A 207 5.38 21.80 -10.23
C PRO A 207 6.61 22.19 -11.05
N PHE A 208 6.66 23.46 -11.43
CA PHE A 208 7.77 24.04 -12.16
C PHE A 208 9.02 24.19 -11.30
N LEU A 209 8.97 23.55 -10.14
CA LEU A 209 10.06 23.47 -9.17
C LEU A 209 10.62 22.07 -9.01
N ILE A 210 9.89 21.08 -9.51
CA ILE A 210 10.43 19.74 -9.55
C ILE A 210 11.76 19.61 -10.36
N PRO A 211 11.85 20.22 -11.56
CA PRO A 211 13.11 20.08 -12.32
C PRO A 211 14.27 20.82 -11.66
N ILE A 212 13.93 21.81 -10.86
CA ILE A 212 14.88 22.56 -10.07
C ILE A 212 15.48 21.70 -8.97
N LEU A 213 14.63 20.94 -8.31
CA LEU A 213 15.11 20.10 -7.25
C LEU A 213 15.98 18.97 -7.81
N GLU A 214 15.59 18.40 -8.96
CA GLU A 214 16.38 17.33 -9.60
C GLU A 214 17.82 17.79 -9.85
N VAL A 215 17.98 19.04 -10.25
CA VAL A 215 19.29 19.55 -10.57
C VAL A 215 20.19 19.47 -9.34
N LEU A 216 19.61 19.87 -8.21
CA LEU A 216 20.31 19.92 -6.93
C LEU A 216 20.42 18.51 -6.32
N ASN A 217 19.87 17.52 -7.02
CA ASN A 217 19.87 16.12 -6.59
C ASN A 217 19.07 15.93 -5.30
N ILE A 218 18.30 16.95 -4.94
CA ILE A 218 17.34 16.83 -3.86
C ILE A 218 16.24 15.88 -4.30
N CYS A 219 15.90 14.93 -3.45
CA CYS A 219 15.16 13.75 -3.86
C CYS A 219 14.21 13.28 -2.77
N VAL A 220 13.02 12.81 -3.15
CA VAL A 220 12.02 12.36 -2.17
C VAL A 220 12.43 11.06 -1.48
N PHE A 221 13.27 10.27 -2.14
CA PHE A 221 13.95 9.19 -1.46
C PHE A 221 15.24 9.77 -0.97
N PRO A 222 15.39 9.84 0.38
CA PRO A 222 16.56 10.42 1.04
C PRO A 222 17.84 9.95 0.39
N ARG A 223 18.79 10.87 0.19
CA ARG A 223 20.04 10.52 -0.47
C ARG A 223 20.75 9.42 0.29
N GLU A 224 20.89 9.62 1.60
CA GLU A 224 21.66 8.73 2.45
C GLU A 224 21.11 7.30 2.47
N VAL A 225 19.80 7.15 2.38
CA VAL A 225 19.20 5.82 2.45
C VAL A 225 19.37 5.06 1.14
N THR A 226 19.14 5.74 0.03
CA THR A 226 19.33 5.11 -1.27
C THR A 226 20.82 4.87 -1.49
N ASN A 227 21.66 5.72 -0.90
CA ASN A 227 23.09 5.46 -0.97
C ASN A 227 23.48 4.17 -0.24
N PHE A 228 22.89 3.90 0.92
CA PHE A 228 23.36 2.75 1.70
C PHE A 228 22.90 1.43 1.11
N LEU A 229 21.71 1.40 0.52
CA LEU A 229 21.18 0.17 -0.06
C LEU A 229 21.80 -0.11 -1.44
N ARG A 230 21.83 0.91 -2.31
CA ARG A 230 22.57 0.80 -3.56
C ARG A 230 23.96 0.31 -3.26
N LYS A 231 24.58 0.73 -2.17
CA LYS A 231 25.85 0.12 -1.79
C LYS A 231 25.73 -1.35 -1.36
N SER A 232 24.94 -1.61 -0.27
CA SER A 232 24.69 -3.01 0.22
C SER A 232 24.36 -4.02 -0.91
N VAL A 233 23.56 -3.58 -1.90
CA VAL A 233 23.05 -4.48 -2.94
C VAL A 233 24.14 -5.23 -3.78
N LYS A 234 25.00 -4.58 -4.57
CA LYS A 234 26.01 -5.45 -5.20
C LYS A 234 27.36 -5.28 -4.49
N ARG A 235 27.29 -5.03 -3.19
CA ARG A 235 28.26 -5.59 -2.25
C ARG A 235 27.85 -7.03 -2.16
N MET A 236 26.54 -7.23 -2.04
CA MET A 236 26.00 -8.57 -1.83
C MET A 236 25.60 -9.26 -3.13
N LYS A 237 25.24 -8.51 -4.18
CA LYS A 237 24.93 -9.11 -5.46
C LYS A 237 26.28 -9.67 -5.96
N GLU A 238 27.40 -9.03 -5.59
CA GLU A 238 28.70 -9.64 -5.89
C GLU A 238 29.00 -10.73 -4.84
N SER A 239 30.17 -11.38 -4.93
CA SER A 239 30.33 -12.78 -4.52
C SER A 239 29.93 -13.33 -3.16
N ARG A 240 29.39 -12.52 -2.23
CA ARG A 240 28.60 -13.22 -1.24
C ARG A 240 27.51 -14.04 -1.95
N LEU A 241 27.19 -13.59 -3.16
CA LEU A 241 26.34 -14.35 -4.08
C LEU A 241 27.14 -15.45 -4.79
N GLU A 242 28.34 -15.13 -5.28
CA GLU A 242 29.08 -16.11 -6.11
C GLU A 242 29.93 -17.12 -5.30
N ASP A 243 29.47 -17.45 -4.11
CA ASP A 243 29.95 -18.60 -3.39
C ASP A 243 29.04 -19.71 -3.83
N THR A 244 27.75 -19.40 -3.91
CA THR A 244 26.76 -20.38 -4.33
C THR A 244 26.96 -21.65 -3.51
N ARG A 248 19.51 -18.73 -2.36
CA ARG A 248 18.68 -17.67 -1.84
C ARG A 248 17.28 -17.61 -2.48
N VAL A 249 16.23 -18.21 -1.91
CA VAL A 249 14.93 -17.92 -2.51
C VAL A 249 14.43 -16.56 -1.99
N ASP A 250 14.80 -15.50 -2.71
CA ASP A 250 14.34 -14.14 -2.38
C ASP A 250 14.19 -13.25 -3.61
N PHE A 251 13.91 -11.96 -3.38
CA PHE A 251 13.62 -11.01 -4.45
C PHE A 251 14.87 -10.70 -5.24
N LEU A 252 15.97 -10.49 -4.54
CA LEU A 252 17.19 -10.09 -5.22
C LEU A 252 17.67 -11.18 -6.15
N GLN A 253 17.60 -12.42 -5.70
CA GLN A 253 18.17 -13.52 -6.48
C GLN A 253 17.37 -13.74 -7.74
N LEU A 254 16.05 -13.61 -7.61
CA LEU A 254 15.14 -13.81 -8.74
C LEU A 254 15.36 -12.74 -9.80
N MET A 255 15.78 -11.57 -9.34
CA MET A 255 16.06 -10.46 -10.24
C MET A 255 17.43 -10.63 -10.88
N ILE A 256 18.33 -11.23 -10.12
CA ILE A 256 19.65 -11.58 -10.63
C ILE A 256 19.54 -12.67 -11.67
N ASP A 257 18.66 -13.63 -11.40
CA ASP A 257 18.48 -14.79 -12.26
C ASP A 257 17.88 -14.37 -13.61
N SER A 258 17.20 -13.21 -13.61
CA SER A 258 16.55 -12.72 -14.81
C SER A 258 17.38 -11.61 -15.47
N GLN A 259 18.61 -11.45 -15.01
CA GLN A 259 19.58 -10.66 -15.74
C GLN A 259 20.40 -11.66 -16.52
N ASN A 260 20.28 -12.92 -16.11
CA ASN A 260 21.01 -14.02 -16.72
C ASN A 260 20.10 -14.94 -17.52
N SER A 261 19.68 -14.51 -18.70
CA SER A 261 18.79 -15.28 -19.58
C SER A 261 17.52 -15.73 -18.85
N SER A 266 13.70 -11.91 -24.57
CA SER A 266 12.78 -10.91 -25.14
C SER A 266 13.45 -9.54 -25.21
N HIS A 267 12.84 -8.56 -24.56
CA HIS A 267 13.37 -7.20 -24.48
C HIS A 267 14.41 -7.08 -23.36
N LYS A 268 15.26 -6.05 -23.45
CA LYS A 268 16.48 -5.97 -22.63
C LYS A 268 16.24 -6.22 -21.14
N ALA A 269 16.99 -7.17 -20.60
CA ALA A 269 16.78 -7.62 -19.23
C ALA A 269 17.15 -6.55 -18.22
N LEU A 270 16.79 -6.78 -16.96
CA LEU A 270 16.99 -5.84 -15.86
C LEU A 270 18.42 -5.30 -15.73
N SER A 271 18.55 -3.98 -15.82
CA SER A 271 19.80 -3.28 -15.56
C SER A 271 20.26 -3.49 -14.11
N ASP A 272 21.54 -3.29 -13.86
CA ASP A 272 22.05 -3.33 -12.50
C ASP A 272 21.39 -2.24 -11.65
N LEU A 273 21.35 -1.02 -12.18
CA LEU A 273 20.76 0.09 -11.45
C LEU A 273 19.26 -0.07 -11.35
N GLU A 274 18.66 -0.48 -12.46
CA GLU A 274 17.23 -0.65 -12.47
C GLU A 274 16.83 -1.69 -11.43
N LEU A 275 17.73 -2.65 -11.18
CA LEU A 275 17.47 -3.68 -10.19
C LEU A 275 17.41 -3.11 -8.77
N VAL A 276 18.35 -2.22 -8.45
CA VAL A 276 18.40 -1.60 -7.13
C VAL A 276 17.21 -0.69 -6.88
N ALA A 277 16.78 0.00 -7.94
CA ALA A 277 15.59 0.81 -7.88
C ALA A 277 14.40 -0.03 -7.45
N GLN A 278 14.29 -1.23 -8.02
CA GLN A 278 13.20 -2.15 -7.70
C GLN A 278 13.28 -2.62 -6.25
N SER A 279 14.47 -3.03 -5.84
CA SER A 279 14.69 -3.52 -4.48
C SER A 279 14.20 -2.50 -3.49
N ILE A 280 14.62 -1.26 -3.73
CA ILE A 280 14.22 -0.13 -2.90
C ILE A 280 12.72 0.13 -2.97
N ILE A 281 12.15 0.12 -4.17
CA ILE A 281 10.73 0.48 -4.29
C ILE A 281 9.88 -0.60 -3.62
N PHE A 282 10.36 -1.84 -3.64
CA PHE A 282 9.68 -2.92 -2.93
C PHE A 282 9.62 -2.65 -1.43
N ILE A 283 10.73 -2.22 -0.86
CA ILE A 283 10.73 -1.88 0.55
C ILE A 283 9.71 -0.77 0.85
N PHE A 284 9.78 0.29 0.08
CA PHE A 284 8.92 1.45 0.23
C PHE A 284 7.43 1.13 0.12
N ALA A 285 7.10 0.21 -0.77
CA ALA A 285 5.72 -0.20 -0.97
C ALA A 285 5.23 -1.17 0.09
N GLY A 286 6.14 -1.86 0.76
CA GLY A 286 5.74 -3.02 1.53
C GLY A 286 5.92 -2.87 3.02
N TYR A 287 6.80 -1.96 3.41
CA TYR A 287 7.14 -1.76 4.80
C TYR A 287 6.01 -1.17 5.65
N GLU A 288 5.63 0.08 5.38
CA GLU A 288 4.67 0.79 6.23
C GLU A 288 3.24 0.54 5.81
N THR A 289 3.05 0.08 4.58
CA THR A 289 1.72 -0.36 4.15
C THR A 289 1.29 -1.59 5.00
N THR A 290 2.11 -2.64 4.96
CA THR A 290 1.87 -3.86 5.71
C THR A 290 1.70 -3.60 7.21
N SER A 291 2.59 -2.82 7.77
CA SER A 291 2.55 -2.64 9.21
C SER A 291 1.31 -1.85 9.60
N SER A 292 0.88 -0.97 8.70
CA SER A 292 -0.32 -0.16 8.95
C SER A 292 -1.57 -0.98 8.94
N VAL A 293 -1.68 -1.84 7.94
CA VAL A 293 -2.87 -2.64 7.77
C VAL A 293 -2.97 -3.62 8.93
N LEU A 294 -1.82 -4.10 9.36
CA LEU A 294 -1.76 -5.05 10.44
C LEU A 294 -2.23 -4.40 11.74
N SER A 295 -1.90 -3.12 11.91
CA SER A 295 -2.33 -2.39 13.10
C SER A 295 -3.82 -2.19 13.06
N PHE A 296 -4.33 -1.79 11.89
CA PHE A 296 -5.76 -1.61 11.71
C PHE A 296 -6.54 -2.90 11.99
N ILE A 297 -6.04 -4.03 11.52
CA ILE A 297 -6.70 -5.30 11.75
C ILE A 297 -6.71 -5.64 13.23
N MET A 298 -5.55 -5.58 13.86
CA MET A 298 -5.45 -5.80 15.29
C MET A 298 -6.30 -4.84 16.11
N TYR A 299 -6.50 -3.63 15.60
CA TYR A 299 -7.40 -2.71 16.27
C TYR A 299 -8.81 -3.28 16.23
N GLU A 300 -9.23 -3.69 15.04
CA GLU A 300 -10.57 -4.22 14.84
C GLU A 300 -10.82 -5.48 15.66
N LEU A 301 -9.85 -6.38 15.68
CA LEU A 301 -9.97 -7.61 16.44
C LEU A 301 -10.13 -7.31 17.94
N ALA A 302 -9.47 -6.24 18.39
CA ALA A 302 -9.55 -5.81 19.80
C ALA A 302 -10.93 -5.25 20.15
N THR A 303 -11.46 -4.39 19.27
CA THR A 303 -12.74 -3.75 19.52
C THR A 303 -13.94 -4.56 19.00
N HIS A 304 -13.67 -5.81 18.61
CA HIS A 304 -14.70 -6.75 18.18
C HIS A 304 -14.30 -8.19 18.56
N PRO A 305 -14.34 -8.51 19.87
CA PRO A 305 -13.83 -9.81 20.34
C PRO A 305 -14.68 -10.97 19.79
N ASP A 306 -15.90 -10.65 19.34
CA ASP A 306 -16.63 -11.40 18.31
C ASP A 306 -16.03 -12.06 17.08
N VAL A 307 -15.16 -11.28 16.47
CA VAL A 307 -14.35 -11.69 15.35
C VAL A 307 -13.06 -12.33 15.81
N GLN A 308 -12.51 -11.85 16.92
CA GLN A 308 -11.19 -12.32 17.31
C GLN A 308 -11.20 -13.78 17.73
N GLN A 309 -12.17 -14.20 18.56
CA GLN A 309 -12.14 -15.58 19.01
C GLN A 309 -12.63 -16.51 17.91
N LYS A 310 -13.54 -16.02 17.07
CA LYS A 310 -14.04 -16.81 15.96
C LYS A 310 -12.87 -17.16 15.02
N LEU A 311 -11.99 -16.19 14.81
CA LEU A 311 -10.79 -16.36 13.98
C LEU A 311 -9.77 -17.29 14.66
N GLN A 312 -9.51 -17.04 15.94
CA GLN A 312 -8.64 -17.89 16.74
C GLN A 312 -9.08 -19.33 16.73
N GLU A 313 -10.38 -19.54 16.60
CA GLU A 313 -10.96 -20.88 16.54
C GLU A 313 -10.77 -21.50 15.15
N GLU A 314 -10.84 -20.68 14.11
CA GLU A 314 -10.54 -21.16 12.76
C GLU A 314 -9.07 -21.58 12.67
N ILE A 315 -8.20 -20.76 13.27
CA ILE A 315 -6.76 -21.03 13.25
C ILE A 315 -6.40 -22.34 13.97
N ASP A 316 -6.95 -22.54 15.17
CA ASP A 316 -6.71 -23.77 15.92
C ASP A 316 -7.27 -24.99 15.20
N ALA A 317 -8.39 -24.82 14.50
CA ALA A 317 -9.00 -25.91 13.73
C ALA A 317 -8.09 -26.38 12.58
N VAL A 318 -7.61 -25.45 11.78
CA VAL A 318 -6.67 -25.75 10.71
C VAL A 318 -5.32 -26.15 11.29
N LEU A 319 -4.92 -25.49 12.37
CA LEU A 319 -3.62 -25.71 12.97
C LEU A 319 -3.73 -26.05 14.45
N PRO A 320 -3.97 -27.34 14.75
CA PRO A 320 -4.15 -27.85 16.11
C PRO A 320 -2.87 -27.75 16.93
N ASN A 321 -3.02 -27.67 18.25
CA ASN A 321 -1.95 -27.35 19.21
C ASN A 321 -0.77 -26.44 18.89
N LYS A 322 -1.10 -25.31 18.26
CA LYS A 322 -0.15 -24.31 17.80
C LYS A 322 0.61 -24.69 16.53
N ALA A 323 0.03 -25.57 15.72
CA ALA A 323 0.69 -26.03 14.50
C ALA A 323 1.06 -24.85 13.62
N PRO A 324 2.27 -24.91 13.02
CA PRO A 324 2.82 -23.81 12.23
C PRO A 324 2.23 -23.68 10.84
N PRO A 325 1.68 -22.51 10.51
CA PRO A 325 1.05 -22.22 9.23
C PRO A 325 1.91 -22.58 8.01
N THR A 326 1.26 -23.15 7.01
CA THR A 326 1.88 -23.33 5.69
C THR A 326 1.14 -22.50 4.65
N TYR A 327 1.69 -22.46 3.45
CA TYR A 327 1.06 -21.81 2.31
C TYR A 327 -0.41 -22.25 2.17
N ASP A 328 -0.64 -23.57 2.19
CA ASP A 328 -1.95 -24.13 1.93
C ASP A 328 -2.91 -23.95 3.10
N THR A 329 -2.40 -24.09 4.32
CA THR A 329 -3.27 -23.94 5.49
C THR A 329 -3.70 -22.47 5.65
N VAL A 330 -2.96 -21.56 5.04
CA VAL A 330 -3.34 -20.15 5.06
C VAL A 330 -4.48 -19.84 4.09
N LEU A 331 -4.31 -20.24 2.83
CA LEU A 331 -5.33 -20.06 1.80
C LEU A 331 -6.62 -20.77 2.21
N GLN A 332 -6.47 -21.75 3.08
CA GLN A 332 -7.56 -22.52 3.60
C GLN A 332 -8.46 -21.68 4.52
N MET A 333 -7.84 -20.77 5.28
CA MET A 333 -8.54 -20.01 6.31
C MET A 333 -9.45 -18.90 5.76
N GLU A 334 -10.74 -19.21 5.70
CA GLU A 334 -11.68 -18.36 5.02
C GLU A 334 -12.10 -17.17 5.87
N TYR A 335 -12.25 -17.36 7.18
CA TYR A 335 -12.65 -16.24 8.04
C TYR A 335 -11.52 -15.24 8.21
N LEU A 336 -10.28 -15.74 8.16
CA LEU A 336 -9.12 -14.87 8.22
C LEU A 336 -9.11 -13.94 7.02
N ASP A 337 -9.24 -14.52 5.84
CA ASP A 337 -9.34 -13.77 4.61
C ASP A 337 -10.50 -12.77 4.68
N MET A 338 -11.58 -13.17 5.35
CA MET A 338 -12.71 -12.28 5.56
C MET A 338 -12.31 -11.10 6.44
N VAL A 339 -11.52 -11.36 7.48
CA VAL A 339 -11.10 -10.29 8.36
C VAL A 339 -10.20 -9.35 7.60
N VAL A 340 -9.27 -9.90 6.82
CA VAL A 340 -8.29 -9.08 6.12
C VAL A 340 -8.93 -8.10 5.14
N ASN A 341 -9.85 -8.59 4.31
CA ASN A 341 -10.49 -7.77 3.28
C ASN A 341 -11.47 -6.72 3.83
N GLU A 342 -12.14 -7.07 4.93
CA GLU A 342 -13.03 -6.12 5.58
C GLU A 342 -12.25 -4.93 6.16
N THR A 343 -11.05 -5.19 6.68
CA THR A 343 -10.24 -4.09 7.20
C THR A 343 -9.70 -3.23 6.07
N LEU A 344 -9.40 -3.87 4.94
CA LEU A 344 -8.91 -3.13 3.78
C LEU A 344 -10.06 -2.34 3.16
N ARG A 345 -11.29 -2.80 3.36
CA ARG A 345 -12.41 -2.01 2.92
C ARG A 345 -12.40 -0.67 3.69
N LEU A 346 -12.37 -0.75 5.00
CA LEU A 346 -12.45 0.45 5.83
C LEU A 346 -11.21 1.29 5.77
N PHE A 347 -10.05 0.65 5.57
CA PHE A 347 -8.80 1.39 5.57
C PHE A 347 -7.94 1.10 4.33
N PRO A 348 -8.43 1.44 3.14
CA PRO A 348 -7.61 1.26 1.94
C PRO A 348 -6.47 2.29 1.92
N ILE A 349 -5.26 1.92 2.33
CA ILE A 349 -4.25 2.92 2.66
C ILE A 349 -3.73 3.69 1.46
N ALA A 350 -3.99 3.22 0.26
CA ALA A 350 -3.71 4.05 -0.94
C ALA A 350 -4.65 5.25 -1.01
N MET A 351 -5.91 5.01 -0.60
CA MET A 351 -6.98 6.02 -0.56
C MET A 351 -7.55 6.19 -1.95
N ARG A 352 -6.66 6.56 -2.87
CA ARG A 352 -6.98 6.95 -4.24
C ARG A 352 -6.18 6.05 -5.20
N LEU A 353 -6.75 5.76 -6.35
CA LEU A 353 -5.98 5.26 -7.46
C LEU A 353 -5.99 6.33 -8.54
N GLU A 354 -4.88 6.52 -9.23
CA GLU A 354 -4.83 7.56 -10.26
C GLU A 354 -4.16 7.08 -11.53
N ARG A 355 -4.62 7.61 -12.65
CA ARG A 355 -4.00 7.38 -13.95
C ARG A 355 -3.92 8.69 -14.67
N VAL A 356 -2.79 8.95 -15.34
CA VAL A 356 -2.71 10.07 -16.28
C VAL A 356 -3.29 9.70 -17.65
N CYS A 357 -4.17 10.57 -18.15
CA CYS A 357 -4.73 10.46 -19.49
C CYS A 357 -3.74 10.89 -20.60
N LYS A 358 -3.18 9.92 -21.33
CA LYS A 358 -2.18 10.19 -22.37
C LYS A 358 -2.72 10.87 -23.64
N LYS A 359 -4.00 10.71 -23.91
CA LYS A 359 -4.57 11.21 -25.14
C LYS A 359 -5.97 11.71 -24.90
N ASP A 360 -6.55 12.39 -25.87
CA ASP A 360 -7.98 12.68 -25.77
C ASP A 360 -8.75 11.39 -26.01
N VAL A 361 -9.61 11.04 -25.07
CA VAL A 361 -10.49 9.89 -25.23
C VAL A 361 -11.91 10.19 -24.78
N GLU A 362 -12.82 9.29 -25.11
CA GLU A 362 -14.17 9.34 -24.56
C GLU A 362 -14.52 7.97 -24.00
N ILE A 363 -14.82 7.93 -22.71
CA ILE A 363 -14.93 6.64 -22.07
C ILE A 363 -16.35 6.50 -21.52
N ASN A 364 -17.07 5.54 -22.09
CA ASN A 364 -18.47 5.28 -21.73
C ASN A 364 -19.27 6.57 -21.56
N GLY A 365 -19.25 7.43 -22.57
CA GLY A 365 -20.04 8.64 -22.51
C GLY A 365 -19.27 9.95 -22.46
N MET A 366 -18.32 10.06 -21.54
CA MET A 366 -17.69 11.37 -21.35
C MET A 366 -16.27 11.46 -21.88
N PHE A 367 -15.98 12.63 -22.45
CA PHE A 367 -14.71 12.93 -23.09
C PHE A 367 -13.68 13.44 -22.10
N ILE A 368 -12.58 12.71 -21.97
CA ILE A 368 -11.47 13.11 -21.10
C ILE A 368 -10.37 13.77 -21.92
N PRO A 369 -10.00 15.00 -21.57
CA PRO A 369 -8.94 15.63 -22.37
C PRO A 369 -7.57 15.11 -21.96
N LYS A 370 -6.66 15.01 -22.93
CA LYS A 370 -5.25 14.74 -22.66
C LYS A 370 -4.74 15.56 -21.47
N GLY A 371 -4.06 14.91 -20.53
CA GLY A 371 -3.41 15.60 -19.43
C GLY A 371 -4.13 15.54 -18.09
N VAL A 372 -5.40 15.19 -18.14
CA VAL A 372 -6.21 15.14 -16.94
C VAL A 372 -5.85 13.92 -16.12
N VAL A 373 -5.63 14.12 -14.83
CA VAL A 373 -5.40 12.98 -13.95
C VAL A 373 -6.76 12.31 -13.63
N VAL A 374 -6.97 11.10 -14.12
CA VAL A 374 -8.21 10.42 -13.78
C VAL A 374 -8.01 9.68 -12.48
N MET A 375 -8.91 9.94 -11.54
CA MET A 375 -8.74 9.50 -10.17
C MET A 375 -9.93 8.66 -9.73
N ILE A 376 -9.64 7.62 -8.96
CA ILE A 376 -10.65 6.74 -8.43
C ILE A 376 -10.60 6.81 -6.90
N PRO A 377 -11.62 7.43 -6.30
CA PRO A 377 -11.62 7.69 -4.86
C PRO A 377 -11.97 6.45 -4.05
N SER A 378 -11.00 5.54 -3.97
CA SER A 378 -11.16 4.24 -3.30
C SER A 378 -11.72 4.32 -1.86
N TYR A 379 -11.13 5.14 -1.00
CA TYR A 379 -11.64 5.28 0.37
C TYR A 379 -13.12 5.57 0.40
N ALA A 380 -13.52 6.54 -0.42
CA ALA A 380 -14.90 6.98 -0.56
C ALA A 380 -15.79 5.83 -1.02
N LEU A 381 -15.43 5.23 -2.16
CA LEU A 381 -16.21 4.12 -2.72
C LEU A 381 -16.40 2.99 -1.71
N HIS A 382 -15.32 2.61 -1.02
CA HIS A 382 -15.43 1.60 0.05
C HIS A 382 -16.42 1.97 1.16
N ARG A 383 -16.74 3.26 1.31
CA ARG A 383 -17.69 3.69 2.33
C ARG A 383 -18.96 4.29 1.72
N ASP A 384 -19.21 3.92 0.48
CA ASP A 384 -20.41 4.32 -0.24
C ASP A 384 -21.63 3.50 0.20
N PRO A 385 -22.76 4.18 0.44
CA PRO A 385 -24.04 3.53 0.71
C PRO A 385 -24.63 2.67 -0.44
N LYS A 386 -24.33 2.98 -1.70
CA LYS A 386 -24.93 2.23 -2.81
C LYS A 386 -24.42 0.80 -2.92
N TYR A 387 -23.15 0.58 -2.58
CA TYR A 387 -22.58 -0.76 -2.72
C TYR A 387 -22.37 -1.41 -1.37
N TRP A 388 -22.48 -0.63 -0.31
CA TRP A 388 -22.18 -1.13 1.03
C TRP A 388 -23.29 -0.82 2.03
N THR A 389 -23.76 -1.88 2.69
CA THR A 389 -24.72 -1.74 3.77
C THR A 389 -23.99 -1.41 5.07
N GLU A 390 -24.39 -0.33 5.74
CA GLU A 390 -23.73 0.12 6.96
C GLU A 390 -22.21 0.18 6.76
N PRO A 391 -21.75 1.20 6.01
CA PRO A 391 -20.34 1.28 5.58
C PRO A 391 -19.34 1.51 6.71
N GLU A 392 -19.77 2.15 7.79
CA GLU A 392 -18.89 2.49 8.90
C GLU A 392 -18.61 1.32 9.85
N LYS A 393 -19.34 0.22 9.67
CA LYS A 393 -19.21 -0.94 10.55
C LYS A 393 -18.10 -1.87 10.10
N PHE A 394 -17.45 -2.48 11.08
CA PHE A 394 -16.55 -3.59 10.82
C PHE A 394 -17.36 -4.89 10.80
N LEU A 395 -17.61 -5.41 9.60
CA LEU A 395 -18.47 -6.56 9.41
C LEU A 395 -17.88 -7.57 8.44
N PRO A 396 -17.06 -8.50 8.91
CA PRO A 396 -16.39 -9.42 7.99
C PRO A 396 -17.30 -10.24 7.09
N GLU A 397 -18.51 -10.58 7.55
CA GLU A 397 -19.42 -11.43 6.79
C GLU A 397 -19.82 -10.89 5.41
N ARG A 398 -19.56 -9.61 5.14
CA ARG A 398 -19.82 -9.07 3.80
C ARG A 398 -18.92 -9.72 2.76
N PHE A 399 -17.93 -10.46 3.25
CA PHE A 399 -16.94 -11.11 2.40
C PHE A 399 -17.03 -12.63 2.50
N SER A 400 -18.03 -13.10 3.24
CA SER A 400 -18.37 -14.52 3.28
C SER A 400 -18.58 -15.08 1.88
N LYS A 401 -18.25 -16.35 1.70
CA LYS A 401 -18.44 -17.03 0.42
C LYS A 401 -19.90 -16.93 -0.01
N LYS A 402 -20.19 -16.07 -0.97
CA LYS A 402 -21.63 -15.87 -1.32
C LYS A 402 -21.72 -14.64 -0.46
N ASN A 403 -22.57 -13.71 -0.97
CA ASN A 403 -22.81 -12.49 -0.25
C ASN A 403 -21.63 -11.56 -0.74
N LYS A 404 -20.75 -12.15 -1.53
CA LYS A 404 -19.54 -11.47 -1.91
C LYS A 404 -19.32 -11.27 -3.45
N ASP A 405 -20.40 -11.16 -4.22
CA ASP A 405 -20.31 -11.03 -5.68
C ASP A 405 -21.26 -9.94 -6.10
N ASN A 406 -22.23 -9.72 -5.22
CA ASN A 406 -22.84 -8.42 -5.09
C ASN A 406 -21.72 -7.35 -5.13
N ILE A 407 -20.59 -7.66 -4.49
CA ILE A 407 -19.40 -6.79 -4.47
C ILE A 407 -18.66 -6.57 -5.81
N ASP A 408 -18.81 -5.39 -6.38
CA ASP A 408 -18.10 -5.03 -7.61
C ASP A 408 -16.59 -4.90 -7.36
N PRO A 409 -15.80 -5.71 -8.09
CA PRO A 409 -14.33 -5.68 -8.06
C PRO A 409 -13.74 -4.32 -8.43
N TYR A 410 -14.59 -3.46 -8.97
CA TYR A 410 -14.13 -2.14 -9.37
C TYR A 410 -14.58 -1.07 -8.39
N ILE A 411 -15.46 -1.45 -7.46
CA ILE A 411 -15.76 -0.62 -6.31
C ILE A 411 -14.80 -0.96 -5.13
N TYR A 412 -14.53 -2.24 -4.93
CA TYR A 412 -13.61 -2.67 -3.87
C TYR A 412 -12.24 -2.97 -4.45
N THR A 413 -11.31 -2.05 -4.23
CA THR A 413 -10.02 -2.10 -4.91
C THR A 413 -8.86 -1.74 -4.00
N PRO A 414 -8.71 -2.44 -2.87
CA PRO A 414 -7.63 -2.06 -1.95
C PRO A 414 -6.21 -2.19 -2.55
N PHE A 415 -6.09 -2.89 -3.68
CA PHE A 415 -4.83 -3.11 -4.35
C PHE A 415 -4.89 -2.64 -5.81
N GLY A 416 -5.91 -1.85 -6.13
CA GLY A 416 -6.04 -1.33 -7.48
C GLY A 416 -6.58 -2.39 -8.40
N SER A 417 -6.53 -2.15 -9.70
CA SER A 417 -6.97 -3.15 -10.67
C SER A 417 -6.32 -2.94 -12.03
N GLY A 418 -6.45 -3.93 -12.92
CA GLY A 418 -5.88 -3.84 -14.26
C GLY A 418 -4.41 -4.26 -14.29
N PRO A 419 -3.76 -4.13 -15.46
CA PRO A 419 -2.36 -4.53 -15.60
C PRO A 419 -1.38 -3.82 -14.62
N ARG A 420 -1.83 -2.75 -13.98
CA ARG A 420 -0.92 -2.01 -13.10
C ARG A 420 -1.35 -2.04 -11.62
N ASN A 421 -2.09 -3.08 -11.24
CA ASN A 421 -2.47 -3.17 -9.84
C ASN A 421 -1.24 -3.53 -9.00
N CYS A 422 -1.45 -3.70 -7.72
CA CYS A 422 -0.36 -3.98 -6.81
C CYS A 422 0.35 -5.27 -7.17
N ILE A 423 1.61 -5.17 -7.60
CA ILE A 423 2.35 -6.38 -7.99
C ILE A 423 2.57 -7.28 -6.74
N GLY A 424 2.46 -6.68 -5.56
CA GLY A 424 2.86 -7.34 -4.33
C GLY A 424 1.72 -7.91 -3.51
N MET A 425 0.53 -7.94 -4.12
CA MET A 425 -0.73 -8.33 -3.47
C MET A 425 -0.74 -9.71 -2.78
N ARG A 426 -0.55 -10.77 -3.55
CA ARG A 426 -0.54 -12.12 -2.99
C ARG A 426 0.51 -12.28 -1.87
N PHE A 427 1.62 -11.58 -2.00
CA PHE A 427 2.68 -11.60 -0.99
C PHE A 427 2.25 -10.87 0.26
N ALA A 428 1.71 -9.67 0.05
CA ALA A 428 1.29 -8.80 1.13
C ALA A 428 0.21 -9.49 1.94
N LEU A 429 -0.73 -10.13 1.25
CA LEU A 429 -1.81 -10.85 1.88
C LEU A 429 -1.28 -12.05 2.65
N MET A 430 -0.47 -12.86 1.99
CA MET A 430 0.17 -14.00 2.62
C MET A 430 0.99 -13.54 3.83
N ASN A 431 1.79 -12.49 3.66
CA ASN A 431 2.68 -12.00 4.73
C ASN A 431 1.89 -11.60 5.98
N MET A 432 0.90 -10.75 5.76
CA MET A 432 -0.02 -10.31 6.80
C MET A 432 -0.71 -11.48 7.49
N LYS A 433 -1.18 -12.45 6.70
CA LYS A 433 -1.91 -13.57 7.25
C LYS A 433 -1.02 -14.45 8.12
N LEU A 434 0.22 -14.65 7.71
CA LEU A 434 1.14 -15.49 8.49
C LEU A 434 1.43 -14.83 9.84
N ALA A 435 1.47 -13.49 9.83
CA ALA A 435 1.65 -12.74 11.06
C ALA A 435 0.46 -12.95 11.99
N LEU A 436 -0.72 -12.70 11.45
CA LEU A 436 -1.96 -12.82 12.20
C LEU A 436 -2.12 -14.20 12.82
N ILE A 437 -1.96 -15.25 12.02
CA ILE A 437 -2.11 -16.60 12.53
C ILE A 437 -1.19 -16.84 13.73
N ARG A 438 0.12 -16.68 13.57
CA ARG A 438 1.07 -16.96 14.65
C ARG A 438 0.82 -16.06 15.85
N VAL A 439 0.43 -14.81 15.62
CA VAL A 439 0.21 -13.88 16.72
C VAL A 439 -1.05 -14.32 17.51
N LEU A 440 -2.13 -14.63 16.78
CA LEU A 440 -3.38 -15.09 17.40
C LEU A 440 -3.25 -16.52 17.95
N GLN A 441 -2.31 -17.29 17.41
CA GLN A 441 -2.04 -18.64 17.85
C GLN A 441 -1.34 -18.64 19.21
N ASN A 442 -1.07 -17.45 19.74
CA ASN A 442 -0.33 -17.32 20.99
C ASN A 442 -0.89 -16.29 21.99
N PHE A 443 -1.59 -15.28 21.48
CA PHE A 443 -2.01 -14.12 22.30
C PHE A 443 -3.46 -13.70 22.09
N SER A 444 -3.96 -12.88 23.02
CA SER A 444 -5.20 -12.15 22.82
C SER A 444 -4.97 -10.63 22.94
N PHE A 445 -5.82 -9.85 22.28
CA PHE A 445 -5.63 -8.39 22.19
C PHE A 445 -6.84 -7.59 22.64
N LYS A 446 -6.66 -6.76 23.65
CA LYS A 446 -7.80 -6.05 24.26
C LYS A 446 -7.51 -4.56 24.42
N PRO A 447 -8.57 -3.74 24.43
CA PRO A 447 -8.42 -2.31 24.70
C PRO A 447 -7.83 -1.98 26.07
N CYS A 448 -6.97 -0.97 26.09
CA CYS A 448 -6.63 -0.22 27.29
C CYS A 448 -7.30 1.11 27.04
N LYS A 449 -7.38 2.01 28.02
CA LYS A 449 -8.05 3.24 27.64
C LYS A 449 -7.08 4.34 27.24
N GLU A 450 -5.84 3.94 26.96
CA GLU A 450 -5.01 4.76 26.10
C GLU A 450 -5.47 4.48 24.67
N THR A 451 -6.17 3.36 24.49
CA THR A 451 -6.68 3.00 23.16
C THR A 451 -7.79 3.95 22.78
N GLN A 452 -7.57 4.66 21.68
CA GLN A 452 -8.54 5.62 21.19
C GLN A 452 -9.79 4.97 20.63
N ILE A 453 -10.91 5.15 21.32
CA ILE A 453 -12.18 4.66 20.81
C ILE A 453 -13.24 5.74 20.87
N PRO A 454 -13.90 5.99 19.73
CA PRO A 454 -13.61 5.36 18.44
C PRO A 454 -12.33 5.89 17.82
N LEU A 455 -11.76 5.13 16.89
CA LEU A 455 -10.49 5.50 16.28
C LEU A 455 -10.67 6.53 15.18
N LYS A 456 -9.81 7.54 15.21
CA LYS A 456 -9.85 8.56 14.19
C LYS A 456 -8.65 8.46 13.26
N LEU A 457 -8.90 8.62 11.97
CA LEU A 457 -7.85 8.75 10.99
C LEU A 457 -7.13 10.06 11.16
N SER A 458 -5.88 10.10 10.75
CA SER A 458 -5.16 11.35 10.62
C SER A 458 -5.94 12.25 9.67
N LEU A 459 -5.86 13.55 9.92
CA LEU A 459 -6.42 14.55 9.02
C LEU A 459 -5.44 14.80 7.87
N GLY A 460 -4.30 14.12 7.93
CA GLY A 460 -3.21 14.33 6.97
C GLY A 460 -3.38 13.60 5.66
N GLY A 461 -2.25 13.25 5.04
CA GLY A 461 -2.23 12.67 3.70
C GLY A 461 -1.82 11.21 3.64
N LEU A 462 -1.77 10.57 4.79
CA LEU A 462 -1.56 9.14 4.89
C LEU A 462 -2.74 8.55 5.61
N LEU A 463 -3.25 7.43 5.12
CA LEU A 463 -4.26 6.75 5.89
C LEU A 463 -3.54 6.04 7.02
N GLN A 464 -3.75 6.56 8.23
CA GLN A 464 -3.11 6.09 9.45
C GLN A 464 -3.91 6.64 10.58
N PRO A 465 -3.81 6.03 11.77
CA PRO A 465 -4.62 6.56 12.88
C PRO A 465 -4.14 7.91 13.39
N GLU A 466 -5.07 8.70 13.94
CA GLU A 466 -4.78 9.94 14.64
C GLU A 466 -3.58 9.76 15.57
N LYS A 467 -3.79 9.00 16.64
CA LYS A 467 -2.71 8.55 17.52
C LYS A 467 -2.45 7.07 17.25
N PRO A 468 -1.19 6.61 17.43
CA PRO A 468 -0.87 5.19 17.22
C PRO A 468 -1.73 4.25 18.07
N VAL A 469 -1.99 3.05 17.55
CA VAL A 469 -2.82 2.08 18.26
C VAL A 469 -2.05 1.40 19.40
N VAL A 470 -2.57 1.50 20.63
CA VAL A 470 -1.98 0.77 21.73
C VAL A 470 -3.05 -0.18 22.32
N LEU A 471 -2.63 -1.40 22.67
CA LEU A 471 -3.57 -2.42 23.14
C LEU A 471 -2.95 -3.30 24.24
N LYS A 472 -3.81 -3.92 25.02
CA LYS A 472 -3.35 -4.88 26.01
C LYS A 472 -3.09 -6.21 25.33
N VAL A 473 -1.99 -6.84 25.70
CA VAL A 473 -1.61 -8.11 25.11
C VAL A 473 -1.48 -9.12 26.22
N GLU A 474 -2.17 -10.24 26.07
CA GLU A 474 -2.12 -11.31 27.04
C GLU A 474 -1.67 -12.59 26.37
N SER A 475 -0.84 -13.37 27.04
CA SER A 475 -0.53 -14.70 26.55
C SER A 475 -1.75 -15.58 26.74
N ARG A 476 -1.97 -16.54 25.86
CA ARG A 476 -2.98 -17.57 26.13
C ARG A 476 -2.33 -18.60 27.07
N ASP A 477 -1.45 -18.08 27.92
CA ASP A 477 -0.68 -18.81 28.92
C ASP A 477 -0.16 -20.16 28.41
CHA HEM B . 0.96 -0.49 -6.34
CHB HEM B . -1.63 -1.34 -2.29
CHC HEM B . 1.96 -3.99 -0.40
CHD HEM B . 4.52 -3.28 -4.46
C1A HEM B . -0.04 -0.49 -5.39
C2A HEM B . -1.30 0.18 -5.54
C3A HEM B . -2.02 -0.05 -4.43
C4A HEM B . -1.23 -0.88 -3.53
CMA HEM B . -3.44 0.45 -4.13
CAA HEM B . -1.68 0.99 -6.80
CBA HEM B . -2.29 0.06 -7.84
CGA HEM B . -3.10 0.84 -8.85
O1A HEM B . -4.07 0.26 -9.41
O2A HEM B . -2.79 2.03 -9.11
C1B HEM B . -0.90 -2.12 -1.43
C2B HEM B . -1.34 -2.63 -0.14
C3B HEM B . -0.34 -3.36 0.38
C4B HEM B . 0.75 -3.34 -0.57
CMB HEM B . -2.74 -2.37 0.45
CAB HEM B . -0.22 -4.14 1.70
CBB HEM B . -1.15 -4.21 2.65
C1C HEM B . 2.90 -4.10 -1.38
C2C HEM B . 4.04 -5.01 -1.33
C3C HEM B . 4.74 -4.80 -2.46
C4C HEM B . 4.08 -3.77 -3.23
CMC HEM B . 4.31 -5.99 -0.17
CAC HEM B . 6.03 -5.48 -2.96
CBC HEM B . 6.57 -6.54 -2.37
C1D HEM B . 3.83 -2.44 -5.31
C2D HEM B . 4.36 -1.93 -6.56
C3D HEM B . 3.25 -1.07 -7.15
C4D HEM B . 2.17 -1.15 -6.19
CMD HEM B . 5.74 -2.23 -7.13
CAD HEM B . 3.23 -0.29 -8.48
CBD HEM B . 2.93 -1.32 -9.56
CGD HEM B . 3.21 -0.72 -10.93
O1D HEM B . 3.47 0.51 -11.04
O2D HEM B . 3.18 -1.50 -11.92
NA HEM B . -0.03 -1.12 -4.15
NB HEM B . 0.37 -2.58 -1.66
NC HEM B . 2.97 -3.36 -2.53
ND HEM B . 2.54 -1.96 -5.13
FE HEM B . 1.38 -2.50 -3.41
C1 STR C . 13.00 18.20 4.38
C2 STR C . 13.99 19.37 4.37
C3 STR C . 15.05 19.07 3.33
O3 STR C . 16.18 19.50 3.46
C4 STR C . 14.67 18.26 2.15
C5 STR C . 13.43 17.77 1.97
C6 STR C . 13.11 17.06 0.67
C7 STR C . 12.39 15.75 0.97
C8 STR C . 11.14 15.98 1.81
C9 STR C . 11.51 16.66 3.14
C10 STR C . 12.35 17.94 3.02
C11 STR C . 10.25 16.84 4.01
C12 STR C . 9.52 15.51 4.29
C13 STR C . 9.18 14.77 3.00
C14 STR C . 10.46 14.65 2.17
C15 STR C . 10.04 13.72 1.03
C16 STR C . 9.09 12.73 1.73
C17 STR C . 8.72 13.31 3.10
C18 STR C . 8.08 15.53 2.24
C19 STR C . 11.53 19.18 2.66
C20 STR C . 7.25 13.05 3.43
O20 STR C . 6.44 12.66 2.59
C21 STR C . 6.77 13.22 4.86
C1 CIT D . -6.77 29.87 -15.51
O1 CIT D . -7.72 29.92 -16.32
O2 CIT D . -6.54 28.79 -14.93
C2 CIT D . -5.91 31.08 -15.23
C3 CIT D . -5.63 31.13 -13.72
O7 CIT D . -5.12 29.83 -13.34
C4 CIT D . -4.62 32.21 -13.34
C5 CIT D . -3.59 31.60 -12.41
O3 CIT D . -3.79 30.48 -11.87
O4 CIT D . -2.51 32.22 -12.15
C6 CIT D . -6.94 31.38 -13.00
O5 CIT D . -7.40 32.53 -12.89
O6 CIT D . -7.59 30.42 -12.53
#